data_3DEW
#
_entry.id   3DEW
#
_cell.length_a   63.106
_cell.length_b   63.106
_cell.length_c   76.550
_cell.angle_alpha   90.000
_cell.angle_beta   90.000
_cell.angle_gamma   120.000
#
_symmetry.space_group_name_H-M   'P 32 2 1'
#
loop_
_entity.id
_entity.type
_entity.pdbx_description
1 polymer 'Transcriptional regulator, TetR family'
2 non-polymer 'CHLORIDE ION'
3 non-polymer BETA-MERCAPTOETHANOL
4 non-polymer 1,2-ETHANEDIOL
5 non-polymer 'ACETIC ACID'
6 water water
#
_entity_poly.entity_id   1
_entity_poly.type   'polypeptide(L)'
_entity_poly.pdbx_seq_one_letter_code
;SNA(MSE)TRADCRSRL(MSE)EVATELFAQKGFYGVSIRELAQAAGASIS(MSE)ISYHFGGKEGLYAAVLQEQFACFG
QLDDIRGQAGDPLAV(MSE)TAYLRWTIQRHRNNPQLLRFYTSELTNPTPCFAAIVSPAIASVIRLLAESIEAG(MSE)T
RGLFRRDLHAVNSALALAG(MSE)VNYFFLSTLATEGLTSHSPDQDEELIRQYVAIFTRGI(MSE)ADGGAAPA
;
_entity_poly.pdbx_strand_id   A
#
# COMPACT_ATOMS: atom_id res chain seq x y z
N ASP A 8 15.15 19.38 -14.61
CA ASP A 8 14.06 18.62 -15.30
C ASP A 8 14.40 17.17 -15.61
N CYS A 9 15.69 16.85 -15.80
N CYS A 9 15.69 16.87 -15.82
CA CYS A 9 16.06 15.44 -16.01
CA CYS A 9 16.15 15.50 -15.99
C CYS A 9 15.95 14.62 -14.72
C CYS A 9 15.75 14.69 -14.77
N ARG A 10 15.86 15.32 -13.60
CA ARG A 10 15.50 14.70 -12.32
C ARG A 10 14.06 14.17 -12.35
N SER A 11 13.15 14.93 -12.95
N SER A 11 13.19 14.89 -13.06
CA SER A 11 11.74 14.53 -12.99
CA SER A 11 11.78 14.55 -13.17
C SER A 11 11.53 13.38 -13.96
C SER A 11 11.55 13.41 -14.17
N ARG A 12 12.17 13.49 -15.13
N ARG A 12 12.20 13.47 -15.33
CA ARG A 12 12.06 12.45 -16.14
CA ARG A 12 12.10 12.35 -16.28
C ARG A 12 12.68 11.12 -15.72
C ARG A 12 12.67 11.07 -15.69
N LEU A 13 13.78 11.19 -14.97
CA LEU A 13 14.39 10.03 -14.34
C LEU A 13 13.43 9.37 -13.34
N GLU A 15 10.18 9.44 -13.35
CA GLU A 15 9.13 8.80 -14.13
C GLU A 15 9.64 7.47 -14.72
N VAL A 16 10.79 7.53 -15.37
CA VAL A 16 11.31 6.36 -16.04
C VAL A 16 11.63 5.28 -15.00
N ALA A 17 12.24 5.66 -13.89
CA ALA A 17 12.55 4.68 -12.82
C ALA A 17 11.26 4.01 -12.29
N THR A 18 10.23 4.81 -12.04
CA THR A 18 8.97 4.26 -11.51
C THR A 18 8.41 3.22 -12.50
N GLU A 19 8.37 3.55 -13.78
N GLU A 19 8.32 3.62 -13.77
CA GLU A 19 7.77 2.64 -14.77
CA GLU A 19 7.88 2.75 -14.87
C GLU A 19 8.59 1.36 -15.09
C GLU A 19 8.60 1.40 -14.83
N LEU A 20 9.92 1.46 -15.06
CA LEU A 20 10.79 0.29 -15.23
C LEU A 20 10.87 -0.59 -13.98
N PHE A 21 11.05 0.01 -12.80
CA PHE A 21 11.03 -0.76 -11.56
C PHE A 21 9.64 -1.36 -11.27
N ALA A 22 8.57 -0.64 -11.64
CA ALA A 22 7.22 -1.21 -11.50
C ALA A 22 7.04 -2.47 -12.33
N GLN A 23 7.52 -2.42 -13.60
N GLN A 23 7.58 -2.47 -13.55
CA GLN A 23 7.43 -3.55 -14.55
CA GLN A 23 7.36 -3.57 -14.49
C GLN A 23 8.27 -4.74 -14.14
C GLN A 23 8.34 -4.73 -14.40
N LYS A 24 9.56 -4.48 -13.93
CA LYS A 24 10.60 -5.53 -13.84
C LYS A 24 11.13 -5.74 -12.44
N GLY A 25 10.73 -4.89 -11.51
CA GLY A 25 11.23 -4.98 -10.13
C GLY A 25 12.68 -4.51 -10.06
N PHE A 26 13.12 -4.22 -8.84
CA PHE A 26 14.50 -3.81 -8.62
C PHE A 26 15.46 -4.82 -9.25
N TYR A 27 15.18 -6.12 -9.09
CA TYR A 27 16.15 -7.15 -9.51
C TYR A 27 16.14 -7.36 -11.01
N GLY A 28 15.19 -6.77 -11.72
CA GLY A 28 15.17 -6.94 -13.19
C GLY A 28 15.59 -5.73 -14.00
N VAL A 29 16.00 -4.64 -13.35
CA VAL A 29 16.30 -3.36 -14.05
C VAL A 29 17.81 -3.10 -13.98
N SER A 30 18.45 -2.69 -15.09
CA SER A 30 19.87 -2.30 -15.02
C SER A 30 20.05 -0.80 -15.16
N ILE A 31 21.17 -0.28 -14.67
CA ILE A 31 21.43 1.14 -14.81
C ILE A 31 21.50 1.55 -16.31
N ARG A 32 22.02 0.67 -17.17
CA ARG A 32 22.02 0.96 -18.60
C ARG A 32 20.58 1.22 -19.14
N GLU A 33 19.64 0.34 -18.79
CA GLU A 33 18.22 0.54 -19.19
C GLU A 33 17.63 1.86 -18.69
N LEU A 34 17.94 2.23 -17.45
CA LEU A 34 17.43 3.51 -16.90
C LEU A 34 17.95 4.71 -17.71
N ALA A 35 19.26 4.73 -17.95
CA ALA A 35 19.86 5.84 -18.69
C ALA A 35 19.27 5.94 -20.11
N GLN A 36 19.19 4.79 -20.77
CA GLN A 36 18.70 4.73 -22.15
C GLN A 36 17.25 5.25 -22.18
N ALA A 37 16.40 4.77 -21.27
CA ALA A 37 15.01 5.17 -21.28
C ALA A 37 14.82 6.66 -20.94
N ALA A 38 15.67 7.22 -20.09
CA ALA A 38 15.59 8.64 -19.70
C ALA A 38 16.42 9.61 -20.57
N GLY A 39 17.31 9.08 -21.41
CA GLY A 39 18.23 9.94 -22.18
C GLY A 39 19.25 10.66 -21.31
N ALA A 40 19.57 10.04 -20.17
CA ALA A 40 20.61 10.53 -19.25
C ALA A 40 21.88 9.67 -19.39
N SER A 41 23.03 10.17 -18.98
CA SER A 41 24.22 9.31 -19.04
C SER A 41 24.25 8.43 -17.82
N ILE A 42 24.92 7.28 -17.91
CA ILE A 42 25.16 6.43 -16.74
C ILE A 42 25.87 7.24 -15.64
N SER A 43 26.75 8.15 -16.05
N SER A 43 26.91 7.99 -16.00
CA SER A 43 27.43 9.05 -15.12
CA SER A 43 27.72 8.65 -14.97
C SER A 43 26.49 10.04 -14.40
C SER A 43 26.86 9.68 -14.22
N ILE A 45 23.58 9.50 -13.69
CA ILE A 45 22.77 8.66 -12.78
C ILE A 45 23.60 8.27 -11.58
N SER A 46 24.82 7.79 -11.82
CA SER A 46 25.65 7.31 -10.71
C SER A 46 26.13 8.43 -9.78
N TYR A 47 26.53 9.56 -10.36
CA TYR A 47 27.15 10.62 -9.56
C TYR A 47 26.18 11.64 -9.01
N HIS A 48 25.03 11.83 -9.67
CA HIS A 48 24.09 12.86 -9.27
C HIS A 48 22.76 12.38 -8.74
N PHE A 49 22.30 11.21 -9.19
CA PHE A 49 20.98 10.70 -8.79
C PHE A 49 21.01 9.43 -7.97
N GLY A 50 22.19 9.09 -7.45
CA GLY A 50 22.34 8.01 -6.50
C GLY A 50 22.42 6.62 -7.07
N GLY A 51 22.61 6.52 -8.39
CA GLY A 51 22.68 5.22 -9.07
C GLY A 51 21.31 4.50 -9.11
N LYS A 52 21.33 3.28 -9.60
CA LYS A 52 20.11 2.43 -9.60
C LYS A 52 19.49 2.40 -8.21
N GLU A 53 20.35 2.27 -7.19
CA GLU A 53 19.86 2.00 -5.85
C GLU A 53 19.17 3.26 -5.29
N GLY A 54 19.84 4.41 -5.45
CA GLY A 54 19.31 5.70 -5.04
C GLY A 54 17.98 6.00 -5.72
N LEU A 55 17.92 5.75 -7.02
CA LEU A 55 16.65 5.98 -7.73
C LEU A 55 15.54 5.05 -7.24
N TYR A 56 15.87 3.79 -6.99
CA TYR A 56 14.91 2.86 -6.49
C TYR A 56 14.40 3.29 -5.10
N ALA A 57 15.32 3.70 -4.21
CA ALA A 57 14.92 4.20 -2.87
C ALA A 57 13.97 5.39 -2.95
N ALA A 58 14.28 6.31 -3.87
CA ALA A 58 13.47 7.53 -4.07
C ALA A 58 12.07 7.12 -4.55
N VAL A 59 12.01 6.20 -5.50
CA VAL A 59 10.74 5.72 -6.05
C VAL A 59 9.89 5.03 -4.94
N LEU A 60 10.52 4.15 -4.17
CA LEU A 60 9.77 3.42 -3.15
C LEU A 60 9.28 4.39 -2.05
N GLN A 61 10.09 5.40 -1.73
CA GLN A 61 9.72 6.38 -0.71
C GLN A 61 8.46 7.14 -1.16
N GLU A 62 8.41 7.49 -2.45
N GLU A 62 8.44 7.48 -2.44
CA GLU A 62 7.22 8.13 -3.03
CA GLU A 62 7.29 8.11 -3.07
C GLU A 62 6.02 7.20 -3.01
C GLU A 62 6.07 7.20 -2.99
N GLN A 63 6.25 5.92 -3.32
CA GLN A 63 5.19 4.91 -3.29
C GLN A 63 4.55 4.76 -1.91
N PHE A 64 5.37 4.84 -0.87
CA PHE A 64 4.90 4.58 0.48
C PHE A 64 4.70 5.85 1.34
N ALA A 65 4.89 7.02 0.73
CA ALA A 65 4.82 8.28 1.47
C ALA A 65 3.54 8.45 2.35
N CYS A 66 2.40 8.13 1.75
N CYS A 66 2.39 8.16 1.78
CA CYS A 66 1.08 8.23 2.39
CA CYS A 66 1.14 8.38 2.52
C CYS A 66 0.91 7.41 3.67
C CYS A 66 0.97 7.47 3.75
N PHE A 67 1.73 6.37 3.83
CA PHE A 67 1.70 5.56 5.04
C PHE A 67 2.22 6.32 6.29
N GLY A 68 2.93 7.42 6.08
CA GLY A 68 3.37 8.24 7.21
C GLY A 68 2.38 9.32 7.56
N GLN A 69 1.23 9.29 6.89
CA GLN A 69 0.17 10.28 7.06
C GLN A 69 -1.16 9.59 7.32
N LEU A 70 -1.31 9.10 8.54
CA LEU A 70 -2.47 8.30 8.94
C LEU A 70 -3.52 9.06 9.77
N ASP A 71 -3.50 10.39 9.77
CA ASP A 71 -4.40 11.17 10.62
C ASP A 71 -5.91 10.97 10.33
N ASP A 72 -6.27 10.67 9.08
CA ASP A 72 -7.69 10.36 8.78
C ASP A 72 -8.17 9.09 9.52
N ILE A 73 -7.24 8.19 9.78
CA ILE A 73 -7.54 6.98 10.55
C ILE A 73 -7.35 7.24 12.04
N ARG A 74 -6.18 7.71 12.43
CA ARG A 74 -5.90 7.96 13.86
C ARG A 74 -6.91 8.89 14.47
N GLY A 75 -7.38 9.86 13.67
CA GLY A 75 -8.30 10.88 14.18
C GLY A 75 -9.65 10.33 14.62
N GLN A 76 -9.98 9.10 14.21
CA GLN A 76 -11.24 8.40 14.57
C GLN A 76 -11.13 7.52 15.82
N ALA A 77 -9.93 7.44 16.40
CA ALA A 77 -9.73 6.63 17.62
C ALA A 77 -10.77 6.95 18.68
N GLY A 78 -11.25 5.92 19.38
CA GLY A 78 -12.35 6.13 20.36
C GLY A 78 -13.62 5.51 19.78
N ASP A 79 -13.66 5.33 18.45
CA ASP A 79 -14.79 4.70 17.77
C ASP A 79 -14.23 3.67 16.78
N PRO A 80 -14.04 2.40 17.24
CA PRO A 80 -13.36 1.40 16.40
C PRO A 80 -14.00 1.22 15.04
N LEU A 81 -15.32 1.26 14.97
N LEU A 81 -15.33 1.27 14.98
CA LEU A 81 -15.98 1.10 13.67
CA LEU A 81 -16.00 1.10 13.68
C LEU A 81 -15.57 2.22 12.73
C LEU A 81 -15.67 2.23 12.70
N ALA A 82 -15.54 3.46 13.21
CA ALA A 82 -15.11 4.61 12.39
C ALA A 82 -13.64 4.47 11.96
N VAL A 83 -12.78 3.94 12.85
CA VAL A 83 -11.40 3.64 12.47
C VAL A 83 -11.34 2.63 11.29
N THR A 85 -13.66 1.86 9.12
CA THR A 85 -14.26 2.49 7.93
C THR A 85 -13.28 3.45 7.28
N ALA A 86 -12.64 4.30 8.08
CA ALA A 86 -11.63 5.24 7.57
C ALA A 86 -10.45 4.53 6.94
N TYR A 87 -10.01 3.45 7.58
CA TYR A 87 -8.93 2.63 7.01
C TYR A 87 -9.34 2.12 5.59
N LEU A 88 -10.53 1.55 5.46
CA LEU A 88 -10.99 1.05 4.13
C LEU A 88 -11.03 2.17 3.09
N ARG A 89 -11.60 3.30 3.47
CA ARG A 89 -11.73 4.43 2.56
C ARG A 89 -10.33 4.93 2.11
N TRP A 90 -9.43 5.04 3.07
CA TRP A 90 -8.06 5.49 2.82
C TRP A 90 -7.34 4.51 1.88
N THR A 91 -7.50 3.21 2.14
CA THR A 91 -6.82 2.17 1.35
C THR A 91 -7.33 2.17 -0.11
N ILE A 92 -8.65 2.28 -0.27
CA ILE A 92 -9.22 2.37 -1.60
C ILE A 92 -8.69 3.62 -2.34
N GLN A 93 -8.70 4.77 -1.65
N GLN A 93 -8.68 4.78 -1.67
CA GLN A 93 -8.13 6.00 -2.20
CA GLN A 93 -8.15 5.97 -2.34
C GLN A 93 -6.68 5.80 -2.68
C GLN A 93 -6.63 5.90 -2.66
N ARG A 94 -5.87 5.16 -1.86
CA ARG A 94 -4.46 4.94 -2.16
C ARG A 94 -4.33 4.18 -3.47
N HIS A 95 -5.13 3.13 -3.61
CA HIS A 95 -5.08 2.33 -4.84
C HIS A 95 -5.58 3.09 -6.05
N ARG A 96 -6.62 3.89 -5.89
CA ARG A 96 -7.14 4.65 -7.04
C ARG A 96 -6.17 5.74 -7.47
N ASN A 97 -5.51 6.37 -6.51
CA ASN A 97 -4.54 7.41 -6.82
C ASN A 97 -3.23 6.85 -7.35
N ASN A 98 -2.92 5.60 -7.01
CA ASN A 98 -1.65 5.00 -7.41
C ASN A 98 -1.78 3.57 -7.87
N PRO A 99 -2.10 3.40 -9.15
CA PRO A 99 -2.21 2.10 -9.79
C PRO A 99 -0.91 1.31 -9.68
N GLN A 100 0.23 1.97 -9.46
CA GLN A 100 1.52 1.24 -9.40
C GLN A 100 1.74 0.58 -8.03
N LEU A 101 0.96 0.99 -7.03
CA LEU A 101 1.40 0.64 -5.68
C LEU A 101 1.44 -0.88 -5.45
N LEU A 102 0.44 -1.63 -5.92
CA LEU A 102 0.47 -3.06 -5.55
C LEU A 102 1.60 -3.78 -6.23
N ARG A 103 2.07 -3.24 -7.37
CA ARG A 103 3.28 -3.82 -8.01
C ARG A 103 4.49 -3.76 -7.04
N PHE A 104 4.80 -2.57 -6.52
CA PHE A 104 5.95 -2.43 -5.62
C PHE A 104 5.69 -3.14 -4.28
N TYR A 105 4.45 -3.04 -3.79
CA TYR A 105 4.08 -3.58 -2.47
C TYR A 105 4.23 -5.11 -2.48
N THR A 106 3.66 -5.78 -3.50
CA THR A 106 3.80 -7.24 -3.56
C THR A 106 5.21 -7.68 -3.91
N SER A 107 5.89 -6.94 -4.79
CA SER A 107 7.23 -7.34 -5.20
C SER A 107 8.16 -7.29 -3.96
N GLU A 108 8.05 -6.22 -3.18
CA GLU A 108 8.90 -6.15 -1.96
C GLU A 108 8.56 -7.21 -0.90
N LEU A 109 7.27 -7.52 -0.72
CA LEU A 109 6.89 -8.54 0.26
C LEU A 109 7.33 -9.94 -0.17
N THR A 110 7.41 -10.18 -1.49
CA THR A 110 7.79 -11.50 -1.98
C THR A 110 9.22 -11.65 -2.46
N ASN A 111 9.90 -10.55 -2.77
N ASN A 111 9.89 -10.53 -2.61
CA ASN A 111 11.30 -10.55 -3.23
CA ASN A 111 11.19 -10.47 -3.25
C ASN A 111 11.94 -9.28 -2.69
C ASN A 111 11.89 -9.24 -2.68
N PRO A 112 12.12 -9.22 -1.35
CA PRO A 112 12.56 -7.96 -0.70
C PRO A 112 13.95 -7.49 -1.16
N THR A 113 14.12 -6.19 -1.19
CA THR A 113 15.44 -5.55 -1.36
C THR A 113 15.81 -4.95 -0.01
N PRO A 114 16.98 -4.29 0.11
CA PRO A 114 17.27 -3.55 1.37
C PRO A 114 16.22 -2.48 1.71
N CYS A 115 15.47 -2.02 0.71
CA CYS A 115 14.41 -1.09 1.02
C CYS A 115 13.22 -1.73 1.74
N PHE A 116 13.14 -3.07 1.79
CA PHE A 116 11.99 -3.66 2.46
C PHE A 116 12.04 -3.29 3.96
N ALA A 117 13.15 -3.55 4.61
CA ALA A 117 13.22 -3.25 6.05
C ALA A 117 13.15 -1.76 6.34
N ALA A 118 13.72 -0.94 5.44
CA ALA A 118 13.81 0.50 5.65
C ALA A 118 12.50 1.25 5.43
N ILE A 119 11.71 0.80 4.47
CA ILE A 119 10.56 1.58 4.01
C ILE A 119 9.27 0.75 4.10
N VAL A 120 9.29 -0.44 3.52
CA VAL A 120 8.01 -1.17 3.33
C VAL A 120 7.50 -1.78 4.64
N SER A 121 8.38 -2.47 5.33
CA SER A 121 7.97 -3.19 6.53
C SER A 121 7.43 -2.24 7.62
N PRO A 122 8.15 -1.16 7.97
CA PRO A 122 7.61 -0.26 8.99
C PRO A 122 6.28 0.41 8.55
N ALA A 123 6.11 0.68 7.25
CA ALA A 123 4.88 1.34 6.73
C ALA A 123 3.71 0.40 6.97
N ILE A 124 3.85 -0.86 6.53
CA ILE A 124 2.76 -1.83 6.72
C ILE A 124 2.52 -2.09 8.22
N ALA A 125 3.59 -2.32 8.98
CA ALA A 125 3.44 -2.61 10.42
C ALA A 125 2.71 -1.47 11.15
N SER A 126 3.01 -0.23 10.81
CA SER A 126 2.39 0.92 11.52
C SER A 126 0.87 0.86 11.32
N VAL A 127 0.43 0.50 10.12
CA VAL A 127 -1.02 0.45 9.81
C VAL A 127 -1.68 -0.72 10.53
N ILE A 128 -1.04 -1.90 10.45
CA ILE A 128 -1.57 -3.09 11.11
C ILE A 128 -1.67 -2.86 12.61
N ARG A 129 -0.63 -2.24 13.19
N ARG A 129 -0.65 -2.23 13.18
CA ARG A 129 -0.67 -1.93 14.62
CA ARG A 129 -0.63 -1.93 14.60
C ARG A 129 -1.86 -1.04 14.94
C ARG A 129 -1.74 -0.95 15.01
N LEU A 130 -2.04 0.01 14.14
CA LEU A 130 -3.08 0.98 14.40
C LEU A 130 -4.45 0.28 14.43
N LEU A 131 -4.69 -0.56 13.44
CA LEU A 131 -5.94 -1.31 13.36
C LEU A 131 -6.09 -2.25 14.57
N ALA A 132 -5.02 -2.97 14.87
CA ALA A 132 -5.04 -3.93 15.98
C ALA A 132 -5.33 -3.24 17.31
N GLU A 133 -4.74 -2.05 17.50
CA GLU A 133 -5.00 -1.28 18.73
C GLU A 133 -6.47 -0.94 18.89
N SER A 134 -7.11 -0.56 17.79
N SER A 134 -7.15 -0.53 17.81
CA SER A 134 -8.51 -0.20 17.81
CA SER A 134 -8.58 -0.22 17.92
C SER A 134 -9.38 -1.41 18.13
C SER A 134 -9.43 -1.45 18.16
N ILE A 135 -9.05 -2.55 17.51
CA ILE A 135 -9.71 -3.84 17.76
C ILE A 135 -9.56 -4.25 19.23
N GLU A 136 -8.33 -4.11 19.76
N GLU A 136 -8.34 -4.13 19.78
CA GLU A 136 -8.04 -4.37 21.16
CA GLU A 136 -8.14 -4.44 21.20
C GLU A 136 -8.91 -3.54 22.10
C GLU A 136 -9.00 -3.55 22.11
N ALA A 137 -9.10 -2.27 21.78
CA ALA A 137 -9.94 -1.38 22.58
C ALA A 137 -11.39 -1.81 22.55
N GLY A 138 -11.84 -2.20 21.35
CA GLY A 138 -13.21 -2.65 21.19
C GLY A 138 -13.45 -3.95 21.95
N THR A 140 -11.82 -4.86 24.78
CA THR A 140 -11.89 -4.40 26.20
C THR A 140 -13.28 -3.83 26.53
N ARG A 141 -13.83 -3.07 25.60
CA ARG A 141 -15.13 -2.46 25.79
C ARG A 141 -16.31 -3.43 25.69
N GLY A 142 -16.06 -4.65 25.21
CA GLY A 142 -17.11 -5.62 25.00
C GLY A 142 -17.86 -5.47 23.68
N LEU A 143 -17.40 -4.56 22.80
CA LEU A 143 -18.00 -4.44 21.45
C LEU A 143 -17.61 -5.61 20.58
N PHE A 144 -16.37 -6.07 20.75
CA PHE A 144 -15.80 -7.14 19.93
C PHE A 144 -15.52 -8.36 20.78
N ARG A 145 -15.57 -9.53 20.16
N ARG A 145 -15.56 -9.52 20.14
CA ARG A 145 -15.38 -10.81 20.85
CA ARG A 145 -15.31 -10.82 20.75
C ARG A 145 -13.97 -11.00 21.34
C ARG A 145 -13.95 -10.87 21.42
N ARG A 146 -13.85 -11.59 22.52
CA ARG A 146 -12.57 -11.72 23.18
C ARG A 146 -11.78 -12.98 22.81
N ASP A 147 -12.38 -13.86 22.02
CA ASP A 147 -11.66 -15.06 21.53
C ASP A 147 -10.95 -14.89 20.19
N LEU A 148 -10.89 -13.66 19.68
N LEU A 148 -10.89 -13.63 19.74
CA LEU A 148 -10.12 -13.46 18.46
CA LEU A 148 -10.20 -13.27 18.52
C LEU A 148 -8.92 -12.57 18.74
C LEU A 148 -8.83 -12.70 18.89
N HIS A 149 -7.86 -12.81 17.99
CA HIS A 149 -6.59 -12.15 18.18
C HIS A 149 -6.62 -10.88 17.37
N ALA A 150 -6.25 -9.78 18.01
CA ALA A 150 -6.38 -8.46 17.39
C ALA A 150 -5.56 -8.30 16.10
N VAL A 151 -4.28 -8.70 16.13
CA VAL A 151 -3.44 -8.54 14.92
C VAL A 151 -3.95 -9.43 13.80
N ASN A 152 -4.27 -10.69 14.09
CA ASN A 152 -4.75 -11.54 12.99
C ASN A 152 -6.03 -10.98 12.37
N SER A 153 -6.86 -10.35 13.23
CA SER A 153 -8.14 -9.71 12.79
C SER A 153 -7.84 -8.49 11.92
N ALA A 154 -6.92 -7.64 12.36
CA ALA A 154 -6.45 -6.52 11.56
C ALA A 154 -5.95 -6.99 10.16
N LEU A 155 -5.14 -8.06 10.16
CA LEU A 155 -4.60 -8.61 8.90
C LEU A 155 -5.73 -9.09 7.99
N ALA A 156 -6.78 -9.69 8.58
CA ALA A 156 -7.95 -10.11 7.82
C ALA A 156 -8.62 -8.94 7.10
N LEU A 157 -8.84 -7.82 7.83
CA LEU A 157 -9.45 -6.63 7.22
C LEU A 157 -8.55 -6.06 6.09
N ALA A 158 -7.27 -5.96 6.39
CA ALA A 158 -6.32 -5.45 5.40
C ALA A 158 -6.33 -6.37 4.16
N GLY A 159 -6.43 -7.68 4.40
CA GLY A 159 -6.41 -8.67 3.31
C GLY A 159 -7.63 -8.54 2.43
N VAL A 161 -9.53 -5.93 1.63
CA VAL A 161 -9.50 -4.77 0.75
C VAL A 161 -8.31 -4.87 -0.23
N ASN A 162 -7.15 -5.31 0.25
CA ASN A 162 -5.99 -5.36 -0.64
C ASN A 162 -6.18 -6.48 -1.69
N TYR A 163 -6.84 -7.57 -1.31
CA TYR A 163 -7.03 -8.66 -2.32
C TYR A 163 -8.05 -8.22 -3.37
N PHE A 164 -9.05 -7.42 -2.99
CA PHE A 164 -10.01 -6.93 -4.02
C PHE A 164 -9.26 -6.25 -5.18
N PHE A 165 -8.28 -5.40 -4.86
CA PHE A 165 -7.54 -4.72 -5.92
C PHE A 165 -6.52 -5.66 -6.57
N LEU A 166 -5.85 -6.47 -5.75
CA LEU A 166 -4.85 -7.40 -6.30
C LEU A 166 -5.44 -8.32 -7.35
N SER A 167 -6.67 -8.81 -7.10
CA SER A 167 -7.25 -9.87 -7.96
C SER A 167 -8.00 -9.29 -9.19
N THR A 168 -7.93 -7.97 -9.38
CA THR A 168 -8.77 -7.31 -10.39
C THR A 168 -8.71 -7.98 -11.75
N LEU A 169 -7.49 -8.21 -12.26
CA LEU A 169 -7.35 -8.72 -13.63
C LEU A 169 -8.00 -10.10 -13.80
N ALA A 170 -8.11 -10.89 -12.70
CA ALA A 170 -8.64 -12.26 -12.78
C ALA A 170 -10.13 -12.30 -12.54
N THR A 171 -10.68 -11.16 -12.15
CA THR A 171 -12.08 -11.16 -11.72
C THR A 171 -12.93 -10.11 -12.48
N GLU A 172 -12.49 -9.79 -13.71
CA GLU A 172 -13.05 -8.63 -14.43
C GLU A 172 -14.53 -8.84 -14.67
N GLY A 173 -14.90 -10.04 -15.09
CA GLY A 173 -16.29 -10.32 -15.41
C GLY A 173 -17.06 -10.88 -14.23
N LEU A 174 -16.42 -10.95 -13.06
CA LEU A 174 -17.10 -11.59 -11.91
C LEU A 174 -17.72 -10.57 -10.99
N THR A 175 -17.18 -9.36 -10.96
CA THR A 175 -17.72 -8.31 -10.07
C THR A 175 -17.31 -6.96 -10.62
N SER A 176 -17.96 -5.89 -10.20
CA SER A 176 -17.60 -4.57 -10.69
C SER A 176 -16.34 -4.13 -9.96
N HIS A 177 -15.40 -3.53 -10.67
CA HIS A 177 -14.30 -2.83 -10.00
C HIS A 177 -14.36 -1.34 -10.27
N SER A 178 -15.54 -0.86 -10.66
CA SER A 178 -15.72 0.56 -10.99
C SER A 178 -15.56 1.42 -9.71
N PRO A 179 -14.87 2.57 -9.82
CA PRO A 179 -14.81 3.45 -8.62
C PRO A 179 -16.21 3.90 -8.11
N ASP A 180 -17.20 3.95 -9.01
CA ASP A 180 -18.61 4.18 -8.64
C ASP A 180 -19.11 3.28 -7.51
N GLN A 181 -18.50 2.10 -7.38
CA GLN A 181 -18.97 1.10 -6.43
C GLN A 181 -18.07 0.99 -5.19
N ASP A 182 -17.11 1.90 -5.06
CA ASP A 182 -16.16 1.85 -3.93
C ASP A 182 -16.85 2.06 -2.58
N GLU A 183 -17.83 2.98 -2.50
CA GLU A 183 -18.52 3.19 -1.23
C GLU A 183 -19.36 1.96 -0.88
N GLU A 184 -19.92 1.30 -1.89
CA GLU A 184 -20.68 0.09 -1.63
C GLU A 184 -19.75 -1.03 -1.19
N LEU A 185 -18.52 -1.08 -1.73
CA LEU A 185 -17.53 -2.05 -1.29
C LEU A 185 -17.18 -1.86 0.20
N ILE A 186 -16.94 -0.62 0.59
CA ILE A 186 -16.70 -0.30 2.01
C ILE A 186 -17.86 -0.81 2.90
N ARG A 187 -19.09 -0.53 2.48
N ARG A 187 -19.10 -0.52 2.51
CA ARG A 187 -20.31 -0.96 3.18
CA ARG A 187 -20.27 -0.97 3.26
C ARG A 187 -20.30 -2.48 3.35
C ARG A 187 -20.19 -2.49 3.40
N GLN A 188 -19.98 -3.19 2.28
CA GLN A 188 -19.94 -4.64 2.29
C GLN A 188 -18.84 -5.25 3.16
N TYR A 189 -17.65 -4.64 3.12
CA TYR A 189 -16.51 -5.20 3.85
C TYR A 189 -16.59 -4.84 5.35
N VAL A 190 -17.12 -3.66 5.66
CA VAL A 190 -17.43 -3.31 7.06
C VAL A 190 -18.44 -4.35 7.61
N ALA A 191 -19.45 -4.69 6.81
CA ALA A 191 -20.50 -5.62 7.26
C ALA A 191 -19.88 -7.00 7.49
N ILE A 192 -19.12 -7.53 6.53
CA ILE A 192 -18.48 -8.82 6.72
C ILE A 192 -17.55 -8.82 7.96
N PHE A 193 -16.71 -7.80 8.07
CA PHE A 193 -15.71 -7.83 9.12
C PHE A 193 -16.36 -7.79 10.50
N THR A 194 -17.41 -6.97 10.65
CA THR A 194 -17.98 -6.73 11.97
C THR A 194 -19.07 -7.76 12.32
N ARG A 195 -19.85 -8.20 11.31
CA ARG A 195 -21.03 -9.06 11.50
C ARG A 195 -21.00 -10.40 10.76
N GLY A 196 -20.01 -10.60 9.88
CA GLY A 196 -19.87 -11.86 9.15
C GLY A 196 -20.91 -11.98 8.04
N ILE A 197 -20.98 -13.16 7.40
CA ILE A 197 -21.96 -13.31 6.33
C ILE A 197 -23.26 -14.01 6.80
N ALA A 199 -26.83 -14.95 8.41
CA ALA A 199 -28.10 -14.21 8.50
C ALA A 199 -28.35 -13.67 9.90
#